data_5IX8
#
_entry.id   5IX8
#
_cell.length_a   59.557
_cell.length_b   78.719
_cell.length_c   66.890
_cell.angle_alpha   90.000
_cell.angle_beta   104.830
_cell.angle_gamma   90.000
#
_symmetry.space_group_name_H-M   'P 1 21 1'
#
loop_
_entity.id
_entity.type
_entity.pdbx_description
1 polymer 'Putative sugar ABC transport system, substrate-binding protein'
2 non-polymer 'SULFATE ION'
3 non-polymer 1,2-ETHANEDIOL
4 water water
#
_entity_poly.entity_id   1
_entity_poly.type   'polypeptide(L)'
_entity_poly.pdbx_seq_one_letter_code
;DRLQGIVEPIVARQPLKLGVTVVHLLDNFYKGIAYGIVDEARRSNVEVVQVAVAGAYGNVQQQFAQLQSFKTLGVDYAVL
SPAAYSGYDPVVADLARSGIKTISAGIPVNSDKIAFGVLQDDTLIGKVLGKALCDDGAQGKQVIVVPGAAGLEWPRLRYE
GFKEVASACGAKLTPAAFRGE(MSE)SLADG(MSE)AQTQDLL(MSE)RTPDAEYVFTPVTFLGIGAVRAARQANRPVKV
LTSA(MSE)VKENEA(MSE)IREGRLLAVASEPGVI(MSE)GRLIVQYAIREHEGLP(MSE)PPLDKPTRSVPYPHFNVP
ITVVDKSNVDTHPYAFYDYPPQGWSIETA
;
_entity_poly.pdbx_strand_id   A,B
#
# COMPACT_ATOMS: atom_id res chain seq x y z
N ASP A 1 25.08 -10.68 -17.45
CA ASP A 1 24.70 -11.49 -16.28
C ASP A 1 23.23 -11.80 -16.37
N ARG A 2 22.91 -13.09 -16.44
CA ARG A 2 21.51 -13.50 -16.59
C ARG A 2 20.68 -13.14 -15.37
N LEU A 3 21.33 -12.91 -14.22
CA LEU A 3 20.61 -12.54 -13.00
C LEU A 3 20.73 -11.03 -12.71
N GLN A 4 21.29 -10.25 -13.65
CA GLN A 4 21.40 -8.79 -13.56
C GLN A 4 22.04 -8.31 -12.25
N GLY A 5 22.97 -9.07 -11.69
CA GLY A 5 23.60 -8.75 -10.42
C GLY A 5 22.72 -8.80 -9.21
N ILE A 6 21.53 -9.38 -9.31
CA ILE A 6 20.61 -9.34 -8.17
C ILE A 6 21.06 -10.31 -7.09
N VAL A 7 21.57 -11.47 -7.50
CA VAL A 7 21.98 -12.51 -6.58
C VAL A 7 23.04 -13.33 -7.31
N GLU A 8 23.97 -13.92 -6.55
CA GLU A 8 24.95 -14.81 -7.17
C GLU A 8 24.31 -16.19 -7.41
N PRO A 9 24.54 -16.84 -8.55
CA PRO A 9 23.94 -18.17 -8.76
C PRO A 9 24.63 -19.21 -7.89
N ILE A 10 23.85 -20.06 -7.24
CA ILE A 10 24.41 -21.21 -6.56
C ILE A 10 23.70 -22.47 -7.02
N VAL A 11 24.14 -23.61 -6.46
CA VAL A 11 23.67 -24.93 -6.87
C VAL A 11 23.12 -25.65 -5.66
N ALA A 12 21.97 -26.30 -5.84
CA ALA A 12 21.35 -27.06 -4.76
C ALA A 12 22.23 -28.25 -4.43
N ARG A 13 22.43 -28.48 -3.14
CA ARG A 13 23.04 -29.69 -2.65
C ARG A 13 22.01 -30.67 -2.14
N GLN A 14 20.99 -30.20 -1.51
N GLN A 14 20.97 -30.20 -1.47
CA GLN A 14 19.89 -31.08 -1.11
CA GLN A 14 19.84 -31.03 -1.07
C GLN A 14 18.90 -31.23 -2.26
C GLN A 14 18.88 -31.22 -2.24
N PRO A 15 18.31 -32.41 -2.44
CA PRO A 15 17.35 -32.58 -3.53
C PRO A 15 16.22 -31.58 -3.42
N LEU A 16 15.88 -30.98 -4.56
CA LEU A 16 14.89 -29.91 -4.58
C LEU A 16 14.03 -30.08 -5.82
N LYS A 17 12.74 -30.33 -5.63
CA LYS A 17 11.80 -30.56 -6.71
C LYS A 17 10.76 -29.44 -6.74
N LEU A 18 10.50 -28.92 -7.93
CA LEU A 18 9.49 -27.89 -8.14
C LEU A 18 8.34 -28.42 -8.99
N GLY A 19 7.12 -28.01 -8.65
CA GLY A 19 6.00 -28.13 -9.58
C GLY A 19 5.54 -26.71 -9.89
N VAL A 20 5.22 -26.45 -11.17
CA VAL A 20 4.89 -25.11 -11.65
C VAL A 20 3.51 -25.16 -12.31
N THR A 21 2.62 -24.25 -11.89
CA THR A 21 1.39 -24.03 -12.67
C THR A 21 1.19 -22.54 -12.95
N VAL A 22 0.96 -22.21 -14.22
CA VAL A 22 0.73 -20.84 -14.62
C VAL A 22 -0.59 -20.79 -15.39
N VAL A 23 -1.01 -19.58 -15.75
CA VAL A 23 -2.34 -19.43 -16.35
C VAL A 23 -2.37 -20.05 -17.74
N HIS A 24 -1.41 -19.68 -18.58
CA HIS A 24 -1.37 -20.09 -19.98
C HIS A 24 0.04 -19.86 -20.50
N LEU A 25 0.36 -20.55 -21.57
CA LEU A 25 1.67 -20.37 -22.21
C LEU A 25 1.55 -19.74 -23.60
N LEU A 26 0.57 -18.85 -23.81
CA LEU A 26 0.30 -18.29 -25.13
C LEU A 26 1.03 -16.99 -25.42
N ASP A 27 1.66 -16.34 -24.44
CA ASP A 27 2.47 -15.17 -24.74
C ASP A 27 3.86 -15.32 -24.15
N ASN A 28 4.66 -14.26 -24.12
CA ASN A 28 6.02 -14.45 -23.63
C ASN A 28 6.12 -14.36 -22.13
N PHE A 29 5.05 -13.99 -21.42
CA PHE A 29 5.23 -13.68 -20.01
C PHE A 29 5.29 -14.96 -19.17
N TYR A 30 4.18 -15.69 -19.06
CA TYR A 30 4.27 -16.92 -18.27
C TYR A 30 5.20 -17.91 -18.92
N LYS A 31 5.25 -17.94 -20.26
CA LYS A 31 6.17 -18.86 -20.91
C LYS A 31 7.62 -18.48 -20.59
N GLY A 32 7.91 -17.17 -20.51
CA GLY A 32 9.22 -16.73 -20.03
C GLY A 32 9.52 -17.19 -18.61
N ILE A 33 8.56 -17.02 -17.71
CA ILE A 33 8.78 -17.51 -16.34
C ILE A 33 9.10 -18.99 -16.35
N ALA A 34 8.32 -19.77 -17.10
CA ALA A 34 8.55 -21.22 -17.17
C ALA A 34 9.92 -21.54 -17.75
N TYR A 35 10.32 -20.85 -18.83
CA TYR A 35 11.66 -21.02 -19.38
C TYR A 35 12.74 -20.67 -18.35
N GLY A 36 12.59 -19.54 -17.66
CA GLY A 36 13.60 -19.13 -16.68
C GLY A 36 13.73 -20.16 -15.58
N ILE A 37 12.61 -20.72 -15.13
CA ILE A 37 12.69 -21.77 -14.11
C ILE A 37 13.41 -23.00 -14.64
N VAL A 38 12.98 -23.49 -15.81
CA VAL A 38 13.55 -24.73 -16.37
C VAL A 38 15.04 -24.56 -16.68
N ASP A 39 15.40 -23.45 -17.32
CA ASP A 39 16.80 -23.27 -17.67
C ASP A 39 17.67 -23.01 -16.45
N GLU A 40 17.16 -22.27 -15.47
CA GLU A 40 17.98 -22.09 -14.27
C GLU A 40 18.08 -23.39 -13.49
N ALA A 41 17.03 -24.20 -13.48
CA ALA A 41 17.11 -25.44 -12.72
C ALA A 41 18.20 -26.36 -13.24
N ARG A 42 18.36 -26.43 -14.57
CA ARG A 42 19.39 -27.33 -15.11
C ARG A 42 20.80 -26.77 -14.92
N ARG A 43 20.91 -25.50 -14.51
CA ARG A 43 22.19 -24.93 -14.11
C ARG A 43 22.46 -25.14 -12.64
N SER A 44 21.46 -25.60 -11.88
CA SER A 44 21.49 -25.45 -10.44
C SER A 44 21.14 -26.71 -9.68
N ASN A 45 21.08 -27.87 -10.34
CA ASN A 45 20.74 -29.15 -9.70
C ASN A 45 19.35 -29.13 -9.04
N VAL A 46 18.38 -28.54 -9.74
CA VAL A 46 17.00 -28.48 -9.28
C VAL A 46 16.17 -29.25 -10.29
N GLU A 47 15.19 -30.02 -9.81
CA GLU A 47 14.33 -30.81 -10.67
C GLU A 47 12.97 -30.11 -10.82
N VAL A 48 12.56 -29.88 -12.07
CA VAL A 48 11.22 -29.39 -12.36
C VAL A 48 10.39 -30.60 -12.75
N VAL A 49 9.48 -30.99 -11.87
CA VAL A 49 8.76 -32.24 -12.09
C VAL A 49 7.65 -32.06 -13.12
N GLN A 50 7.02 -30.90 -13.14
CA GLN A 50 5.90 -30.69 -14.04
C GLN A 50 5.71 -29.20 -14.21
N VAL A 51 5.36 -28.80 -15.43
CA VAL A 51 4.81 -27.48 -15.71
C VAL A 51 3.40 -27.69 -16.23
N ALA A 52 2.43 -27.10 -15.55
CA ALA A 52 1.03 -27.25 -15.91
C ALA A 52 0.43 -25.88 -16.18
N VAL A 53 -0.71 -25.87 -16.90
CA VAL A 53 -1.41 -24.62 -17.18
C VAL A 53 -2.87 -24.72 -16.76
N ALA A 54 -3.37 -23.62 -16.20
CA ALA A 54 -4.81 -23.52 -15.94
C ALA A 54 -5.59 -23.61 -17.24
N GLY A 55 -5.10 -22.94 -18.28
CA GLY A 55 -5.69 -22.94 -19.60
C GLY A 55 -6.34 -21.63 -19.96
N ALA A 56 -6.84 -20.90 -18.96
CA ALA A 56 -7.50 -19.62 -19.22
C ALA A 56 -7.62 -18.91 -17.89
N TYR A 57 -7.74 -17.58 -17.93
CA TYR A 57 -8.13 -16.90 -16.69
C TYR A 57 -9.49 -17.43 -16.24
N GLY A 58 -9.64 -17.61 -14.94
CA GLY A 58 -10.87 -18.18 -14.39
C GLY A 58 -10.85 -19.69 -14.21
N ASN A 59 -9.86 -20.40 -14.76
CA ASN A 59 -9.76 -21.85 -14.64
C ASN A 59 -9.14 -22.25 -13.31
N VAL A 60 -9.84 -21.86 -12.24
CA VAL A 60 -9.28 -22.01 -10.91
C VAL A 60 -9.32 -23.48 -10.45
N GLN A 61 -10.41 -24.21 -10.74
CA GLN A 61 -10.48 -25.62 -10.34
C GLN A 61 -9.38 -26.44 -10.99
N GLN A 62 -9.07 -26.15 -12.27
CA GLN A 62 -7.98 -26.83 -12.94
C GLN A 62 -6.68 -26.67 -12.17
N GLN A 63 -6.42 -25.46 -11.67
CA GLN A 63 -5.17 -25.24 -10.94
C GLN A 63 -5.21 -25.87 -9.56
N PHE A 64 -6.37 -25.86 -8.89
CA PHE A 64 -6.44 -26.54 -7.59
C PHE A 64 -6.04 -27.99 -7.75
N ALA A 65 -6.55 -28.64 -8.80
CA ALA A 65 -6.24 -30.05 -9.01
C ALA A 65 -4.77 -30.24 -9.30
N GLN A 66 -4.16 -29.30 -10.04
CA GLN A 66 -2.75 -29.40 -10.33
C GLN A 66 -1.91 -29.26 -9.06
N LEU A 67 -2.27 -28.32 -8.20
CA LEU A 67 -1.53 -28.15 -6.95
C LEU A 67 -1.67 -29.38 -6.07
N GLN A 68 -2.87 -29.96 -6.03
CA GLN A 68 -3.06 -31.21 -5.29
C GLN A 68 -2.19 -32.33 -5.84
N SER A 69 -2.06 -32.43 -7.16
CA SER A 69 -1.23 -33.50 -7.71
C SER A 69 0.25 -33.31 -7.38
N PHE A 70 0.69 -32.06 -7.17
CA PHE A 70 2.06 -31.85 -6.73
C PHE A 70 2.33 -32.49 -5.38
N LYS A 71 1.31 -32.59 -4.54
CA LYS A 71 1.44 -33.24 -3.24
C LYS A 71 1.86 -34.70 -3.41
N THR A 72 1.19 -35.40 -4.33
CA THR A 72 1.50 -36.79 -4.59
C THR A 72 2.85 -36.95 -5.27
N LEU A 73 3.30 -35.95 -6.03
CA LEU A 73 4.58 -36.07 -6.71
C LEU A 73 5.75 -35.73 -5.80
N GLY A 74 5.49 -35.31 -4.57
CA GLY A 74 6.58 -35.04 -3.65
C GLY A 74 7.39 -33.80 -3.98
N VAL A 75 6.77 -32.81 -4.59
CA VAL A 75 7.50 -31.57 -4.79
C VAL A 75 7.81 -30.91 -3.45
N ASP A 76 8.84 -30.09 -3.45
CA ASP A 76 9.20 -29.30 -2.27
C ASP A 76 8.59 -27.91 -2.30
N TYR A 77 8.42 -27.35 -3.50
CA TYR A 77 7.78 -26.06 -3.70
C TYR A 77 6.83 -26.17 -4.87
N ALA A 78 5.68 -25.54 -4.72
CA ALA A 78 4.78 -25.27 -5.83
C ALA A 78 5.01 -23.84 -6.26
N VAL A 79 5.07 -23.59 -7.57
CA VAL A 79 5.22 -22.25 -8.11
C VAL A 79 3.92 -21.91 -8.84
N LEU A 80 3.30 -20.78 -8.48
CA LEU A 80 1.93 -20.50 -8.85
C LEU A 80 1.82 -19.12 -9.49
N SER A 81 1.30 -19.07 -10.72
CA SER A 81 0.72 -17.86 -11.31
C SER A 81 -0.77 -18.12 -11.44
N PRO A 82 -1.63 -17.47 -10.65
CA PRO A 82 -3.01 -17.94 -10.53
C PRO A 82 -3.94 -17.42 -11.62
N ALA A 83 -4.96 -18.22 -11.91
CA ALA A 83 -5.97 -17.84 -12.90
C ALA A 83 -7.02 -16.88 -12.35
N ALA A 84 -6.97 -16.59 -11.06
CA ALA A 84 -7.81 -15.58 -10.44
C ALA A 84 -7.07 -15.13 -9.19
N TYR A 85 -7.40 -13.92 -8.73
CA TYR A 85 -6.70 -13.39 -7.55
C TYR A 85 -7.08 -14.17 -6.30
N SER A 86 -8.38 -14.41 -6.11
CA SER A 86 -8.90 -14.96 -4.87
C SER A 86 -9.28 -16.43 -5.01
N GLY A 87 -9.27 -17.11 -3.87
CA GLY A 87 -9.72 -18.48 -3.76
C GLY A 87 -8.64 -19.53 -3.56
N TYR A 88 -7.36 -19.15 -3.55
CA TYR A 88 -6.26 -20.11 -3.44
C TYR A 88 -5.76 -20.28 -2.02
N ASP A 89 -6.24 -19.50 -1.06
CA ASP A 89 -5.67 -19.68 0.28
C ASP A 89 -5.91 -21.09 0.82
N PRO A 90 -7.08 -21.72 0.66
CA PRO A 90 -7.22 -23.10 1.20
C PRO A 90 -6.24 -24.08 0.61
N VAL A 91 -5.98 -24.02 -0.69
CA VAL A 91 -5.07 -25.01 -1.26
C VAL A 91 -3.63 -24.69 -0.89
N VAL A 92 -3.27 -23.41 -0.80
CA VAL A 92 -1.92 -23.07 -0.34
C VAL A 92 -1.73 -23.56 1.09
N ALA A 93 -2.75 -23.36 1.93
CA ALA A 93 -2.66 -23.81 3.31
C ALA A 93 -2.55 -25.33 3.39
N ASP A 94 -3.28 -26.03 2.53
CA ASP A 94 -3.23 -27.49 2.51
C ASP A 94 -1.87 -28.01 2.07
N LEU A 95 -1.28 -27.38 1.03
CA LEU A 95 0.08 -27.76 0.65
C LEU A 95 1.05 -27.52 1.79
N ALA A 96 0.93 -26.38 2.48
CA ALA A 96 1.87 -26.07 3.56
C ALA A 96 1.77 -27.08 4.69
N ARG A 97 0.55 -27.58 4.98
CA ARG A 97 0.44 -28.58 6.03
C ARG A 97 1.15 -29.87 5.64
N SER A 98 1.35 -30.10 4.35
CA SER A 98 2.10 -31.24 3.85
C SER A 98 3.58 -30.95 3.66
N GLY A 99 4.07 -29.84 4.20
CA GLY A 99 5.46 -29.47 4.03
C GLY A 99 5.83 -28.88 2.68
N ILE A 100 4.86 -28.49 1.86
CA ILE A 100 5.11 -27.93 0.54
C ILE A 100 4.80 -26.44 0.59
N LYS A 101 5.83 -25.63 0.37
CA LYS A 101 5.70 -24.18 0.35
C LYS A 101 5.33 -23.74 -1.06
N THR A 102 4.62 -22.63 -1.15
CA THR A 102 4.14 -22.13 -2.43
C THR A 102 4.82 -20.79 -2.72
N ILE A 103 5.35 -20.67 -3.93
CA ILE A 103 6.02 -19.46 -4.39
C ILE A 103 5.12 -18.77 -5.40
N SER A 104 4.89 -17.48 -5.20
CA SER A 104 4.11 -16.68 -6.15
C SER A 104 5.01 -16.21 -7.28
N ALA A 105 4.57 -16.42 -8.54
CA ALA A 105 5.36 -16.03 -9.71
C ALA A 105 4.62 -15.02 -10.56
N GLY A 106 5.27 -13.88 -10.85
CA GLY A 106 4.84 -12.94 -11.88
C GLY A 106 3.69 -12.00 -11.54
N ILE A 107 2.66 -12.51 -10.89
CA ILE A 107 1.46 -11.72 -10.57
C ILE A 107 1.00 -12.03 -9.16
N PRO A 108 0.32 -11.07 -8.51
CA PRO A 108 -0.11 -11.27 -7.11
C PRO A 108 -1.16 -12.37 -6.97
N VAL A 109 -1.13 -13.05 -5.82
CA VAL A 109 -2.22 -13.94 -5.45
C VAL A 109 -2.69 -13.57 -4.03
N ASN A 110 -3.99 -13.74 -3.79
CA ASN A 110 -4.61 -13.31 -2.53
C ASN A 110 -4.50 -14.41 -1.48
N SER A 111 -3.29 -14.64 -0.99
CA SER A 111 -3.08 -15.60 0.08
C SER A 111 -1.88 -15.17 0.90
N ASP A 112 -2.08 -14.93 2.20
CA ASP A 112 -0.93 -14.59 3.05
C ASP A 112 -0.16 -15.80 3.53
N LYS A 113 -0.48 -16.99 3.02
CA LYS A 113 0.25 -18.21 3.34
C LYS A 113 1.30 -18.57 2.29
N ILE A 114 1.39 -17.80 1.21
CA ILE A 114 2.50 -17.89 0.26
C ILE A 114 3.81 -17.67 0.98
N ALA A 115 4.82 -18.48 0.64
CA ALA A 115 6.12 -18.35 1.31
C ALA A 115 6.85 -17.08 0.88
N PHE A 116 6.96 -16.87 -0.44
CA PHE A 116 7.48 -15.61 -0.98
C PHE A 116 7.08 -15.55 -2.45
N GLY A 117 7.31 -14.39 -3.05
CA GLY A 117 7.00 -14.20 -4.45
C GLY A 117 8.14 -13.51 -5.18
N VAL A 118 8.11 -13.66 -6.50
CA VAL A 118 9.00 -12.91 -7.39
C VAL A 118 8.11 -12.37 -8.47
N LEU A 119 8.00 -11.05 -8.56
CA LEU A 119 7.08 -10.48 -9.55
C LEU A 119 7.54 -9.07 -9.90
N GLN A 120 6.61 -8.18 -10.20
N GLN A 120 6.61 -8.15 -10.09
CA GLN A 120 6.89 -6.76 -10.39
CA GLN A 120 6.90 -6.76 -10.39
C GLN A 120 5.77 -5.96 -9.75
C GLN A 120 5.73 -5.92 -9.90
N ASP A 121 5.99 -4.65 -9.64
CA ASP A 121 5.03 -3.74 -9.01
C ASP A 121 4.02 -3.31 -10.07
N ASP A 122 2.81 -3.88 -10.04
CA ASP A 122 1.83 -3.61 -11.07
C ASP A 122 1.37 -2.15 -11.08
N THR A 123 1.24 -1.52 -9.91
CA THR A 123 0.91 -0.10 -9.91
C THR A 123 1.98 0.71 -10.64
N LEU A 124 3.26 0.35 -10.46
CA LEU A 124 4.33 1.13 -11.06
C LEU A 124 4.42 0.87 -12.57
N ILE A 125 4.04 -0.32 -13.01
CA ILE A 125 3.91 -0.56 -14.45
C ILE A 125 2.94 0.47 -15.05
N GLY A 126 1.80 0.69 -14.38
CA GLY A 126 0.84 1.67 -14.86
C GLY A 126 1.41 3.08 -14.79
N LYS A 127 2.09 3.41 -13.70
CA LYS A 127 2.69 4.74 -13.58
C LYS A 127 3.71 5.02 -14.68
N VAL A 128 4.56 4.04 -15.01
CA VAL A 128 5.58 4.35 -16.03
C VAL A 128 4.94 4.49 -17.43
N LEU A 129 3.85 3.78 -17.68
CA LEU A 129 3.14 4.00 -18.94
C LEU A 129 2.44 5.36 -18.92
N GLY A 130 1.94 5.77 -17.75
CA GLY A 130 1.42 7.12 -17.62
C GLY A 130 2.45 8.18 -17.95
N LYS A 131 3.69 7.99 -17.48
CA LYS A 131 4.73 8.96 -17.79
C LYS A 131 5.01 8.98 -19.27
N ALA A 132 5.05 7.81 -19.92
CA ALA A 132 5.26 7.79 -21.38
C ALA A 132 4.17 8.58 -22.09
N LEU A 133 2.91 8.40 -21.66
CA LEU A 133 1.80 9.16 -22.22
C LEU A 133 2.01 10.65 -22.03
N CYS A 134 2.28 11.05 -20.79
CA CYS A 134 2.43 12.48 -20.50
C CYS A 134 3.58 13.09 -21.29
N ASP A 135 4.71 12.38 -21.39
CA ASP A 135 5.85 12.89 -22.12
C ASP A 135 5.61 12.96 -23.64
N ASP A 136 4.63 12.25 -24.15
CA ASP A 136 4.25 12.39 -25.55
C ASP A 136 3.40 13.63 -25.82
N GLY A 137 3.02 14.37 -24.79
CA GLY A 137 2.18 15.54 -24.98
C GLY A 137 0.70 15.26 -24.91
N ALA A 138 0.29 14.30 -24.08
CA ALA A 138 -1.12 13.93 -23.99
C ALA A 138 -1.99 14.92 -23.23
N GLN A 139 -1.41 15.95 -22.61
CA GLN A 139 -2.21 16.95 -21.91
C GLN A 139 -3.37 17.44 -22.79
N GLY A 140 -4.58 17.38 -22.25
CA GLY A 140 -5.75 17.78 -22.98
C GLY A 140 -6.32 16.75 -23.96
N LYS A 141 -5.62 15.64 -24.20
N LYS A 141 -5.66 15.62 -24.16
CA LYS A 141 -6.04 14.68 -25.19
CA LYS A 141 -6.06 14.68 -25.20
C LYS A 141 -6.88 13.57 -24.54
C LYS A 141 -6.75 13.47 -24.58
N GLN A 142 -7.62 12.85 -25.38
CA GLN A 142 -8.46 11.76 -24.90
C GLN A 142 -7.78 10.40 -25.06
N VAL A 143 -7.94 9.57 -24.05
CA VAL A 143 -7.29 8.27 -23.93
C VAL A 143 -8.38 7.22 -23.70
N ILE A 144 -8.49 6.26 -24.61
CA ILE A 144 -9.36 5.09 -24.39
C ILE A 144 -8.67 4.15 -23.42
N VAL A 145 -9.40 3.69 -22.40
CA VAL A 145 -8.87 2.73 -21.43
C VAL A 145 -9.55 1.38 -21.65
N VAL A 146 -8.75 0.36 -21.96
CA VAL A 146 -9.19 -1.03 -22.11
C VAL A 146 -8.46 -1.73 -20.98
N PRO A 147 -9.08 -1.91 -19.80
CA PRO A 147 -8.31 -2.19 -18.58
C PRO A 147 -7.99 -3.63 -18.33
N GLY A 148 -8.57 -4.55 -19.09
CA GLY A 148 -8.39 -5.94 -18.81
C GLY A 148 -9.56 -6.54 -18.08
N ALA A 149 -9.32 -7.74 -17.54
CA ALA A 149 -10.37 -8.51 -16.88
C ALA A 149 -10.52 -8.05 -15.43
N ALA A 150 -11.71 -8.32 -14.86
CA ALA A 150 -11.94 -8.17 -13.43
C ALA A 150 -11.50 -9.44 -12.68
N GLY A 151 -11.34 -9.31 -11.35
CA GLY A 151 -11.07 -10.46 -10.52
C GLY A 151 -9.62 -10.91 -10.49
N LEU A 152 -8.72 -10.13 -11.06
CA LEU A 152 -7.32 -10.54 -11.13
C LEU A 152 -6.40 -9.67 -10.29
N GLU A 153 -6.89 -8.51 -9.80
CA GLU A 153 -6.15 -7.56 -8.97
C GLU A 153 -5.14 -6.76 -9.80
N TRP A 154 -4.18 -7.44 -10.46
CA TRP A 154 -3.11 -6.68 -11.09
C TRP A 154 -3.57 -5.80 -12.25
N PRO A 155 -4.59 -6.15 -13.04
CA PRO A 155 -5.04 -5.19 -14.06
C PRO A 155 -5.58 -3.94 -13.43
N ARG A 156 -6.27 -4.08 -12.29
CA ARG A 156 -6.75 -2.88 -11.60
C ARG A 156 -5.59 -2.03 -11.09
N LEU A 157 -4.54 -2.68 -10.55
CA LEU A 157 -3.38 -1.93 -10.08
C LEU A 157 -2.73 -1.17 -11.22
N ARG A 158 -2.58 -1.81 -12.38
CA ARG A 158 -2.00 -1.12 -13.54
C ARG A 158 -2.85 0.06 -13.94
N TYR A 159 -4.17 -0.14 -13.99
CA TYR A 159 -5.08 0.96 -14.31
C TYR A 159 -4.95 2.10 -13.30
N GLU A 160 -4.91 1.77 -12.02
CA GLU A 160 -4.79 2.82 -10.99
C GLU A 160 -3.52 3.63 -11.15
N GLY A 161 -2.37 2.97 -11.39
CA GLY A 161 -1.13 3.70 -11.56
C GLY A 161 -1.13 4.56 -12.80
N PHE A 162 -1.66 4.02 -13.92
CA PHE A 162 -1.78 4.80 -15.15
C PHE A 162 -2.68 6.02 -14.95
N LYS A 163 -3.85 5.82 -14.32
CA LYS A 163 -4.79 6.92 -14.17
C LYS A 163 -4.22 8.04 -13.30
N GLU A 164 -3.52 7.68 -12.22
CA GLU A 164 -2.93 8.69 -11.34
C GLU A 164 -2.00 9.60 -12.12
N VAL A 165 -1.10 9.00 -12.90
CA VAL A 165 -0.09 9.80 -13.59
C VAL A 165 -0.70 10.50 -14.78
N ALA A 166 -1.56 9.81 -15.53
CA ALA A 166 -2.19 10.43 -16.71
C ALA A 166 -3.11 11.59 -16.33
N SER A 167 -3.92 11.41 -15.29
CA SER A 167 -4.78 12.50 -14.83
C SER A 167 -3.96 13.71 -14.39
N ALA A 168 -2.79 13.46 -13.78
CA ALA A 168 -2.02 14.58 -13.25
C ALA A 168 -1.46 15.46 -14.35
N CYS A 169 -1.26 14.94 -15.55
CA CYS A 169 -0.78 15.80 -16.64
C CYS A 169 -1.92 16.28 -17.54
N GLY A 170 -3.16 16.07 -17.14
CA GLY A 170 -4.29 16.63 -17.87
C GLY A 170 -4.83 15.78 -19.00
N ALA A 171 -4.45 14.51 -19.06
CA ALA A 171 -5.06 13.65 -20.06
C ALA A 171 -6.48 13.29 -19.63
N LYS A 172 -7.34 13.06 -20.62
CA LYS A 172 -8.76 12.80 -20.40
C LYS A 172 -9.04 11.33 -20.72
N LEU A 173 -9.17 10.53 -19.68
CA LEU A 173 -9.37 9.09 -19.83
C LEU A 173 -10.85 8.75 -19.89
N THR A 174 -11.20 7.73 -20.70
CA THR A 174 -12.54 7.15 -20.65
C THR A 174 -12.67 6.35 -19.35
N PRO A 175 -13.88 6.10 -18.87
CA PRO A 175 -14.02 5.13 -17.77
C PRO A 175 -13.55 3.76 -18.21
N ALA A 176 -13.36 2.88 -17.25
CA ALA A 176 -12.77 1.57 -17.52
C ALA A 176 -13.79 0.48 -17.22
N ALA A 177 -14.06 -0.36 -18.21
CA ALA A 177 -14.99 -1.48 -18.04
C ALA A 177 -14.15 -2.76 -17.94
N PHE A 178 -14.15 -3.39 -16.78
CA PHE A 178 -13.32 -4.58 -16.54
C PHE A 178 -14.13 -5.80 -16.96
N ARG A 179 -13.70 -6.46 -18.03
CA ARG A 179 -14.49 -7.54 -18.62
C ARG A 179 -13.61 -8.30 -19.59
N GLY A 180 -14.06 -9.50 -19.94
CA GLY A 180 -13.35 -10.35 -20.86
C GLY A 180 -12.26 -11.15 -20.18
N GLU A 181 -11.38 -11.73 -21.02
CA GLU A 181 -10.28 -12.56 -20.54
C GLU A 181 -8.95 -12.10 -21.10
N SER A 183 -7.95 -11.52 -24.15
CA SER A 183 -7.51 -12.20 -25.36
C SER A 183 -7.31 -11.22 -26.51
N LEU A 184 -6.71 -11.71 -27.60
N LEU A 184 -6.72 -11.73 -27.59
CA LEU A 184 -6.66 -10.92 -28.82
CA LEU A 184 -6.62 -10.94 -28.82
C LEU A 184 -8.05 -10.48 -29.23
C LEU A 184 -7.99 -10.53 -29.33
N ALA A 185 -8.99 -11.43 -29.22
CA ALA A 185 -10.34 -11.12 -29.67
C ALA A 185 -10.97 -10.06 -28.78
N ASP A 186 -10.71 -10.11 -27.47
CA ASP A 186 -11.23 -9.07 -26.58
C ASP A 186 -10.64 -7.71 -26.92
N GLY A 187 -9.32 -7.65 -27.15
CA GLY A 187 -8.71 -6.39 -27.47
C GLY A 187 -9.29 -5.78 -28.72
N ALA A 189 -12.34 -6.44 -30.13
CA ALA A 189 -13.75 -6.07 -30.04
C ALA A 189 -13.92 -4.88 -29.12
N GLN A 190 -13.22 -4.89 -27.99
CA GLN A 190 -13.40 -3.78 -27.06
C GLN A 190 -12.87 -2.48 -27.66
N THR A 191 -11.73 -2.54 -28.37
CA THR A 191 -11.17 -1.31 -28.88
C THR A 191 -11.98 -0.82 -30.06
N GLN A 192 -12.48 -1.75 -30.87
N GLN A 192 -12.46 -1.74 -30.91
CA GLN A 192 -13.33 -1.32 -31.99
CA GLN A 192 -13.34 -1.33 -31.99
C GLN A 192 -14.56 -0.57 -31.48
C GLN A 192 -14.51 -0.53 -31.43
N ASP A 193 -15.18 -1.10 -30.43
CA ASP A 193 -16.33 -0.45 -29.83
C ASP A 193 -15.96 0.91 -29.23
N LEU A 194 -14.85 0.96 -28.48
CA LEU A 194 -14.50 2.23 -27.84
C LEU A 194 -13.99 3.28 -28.83
N LEU A 195 -13.34 2.87 -29.95
CA LEU A 195 -12.96 3.87 -30.95
C LEU A 195 -14.18 4.52 -31.56
N ARG A 197 -17.07 4.88 -30.10
CA ARG A 197 -17.71 5.68 -29.06
C ARG A 197 -16.88 6.88 -28.62
N THR A 198 -15.60 6.89 -28.96
CA THR A 198 -14.67 7.95 -28.52
C THR A 198 -13.96 8.50 -29.75
N PRO A 199 -14.69 9.17 -30.63
CA PRO A 199 -14.10 9.59 -31.91
C PRO A 199 -12.89 10.48 -31.79
N ASP A 200 -12.74 11.20 -30.67
CA ASP A 200 -11.63 12.12 -30.54
C ASP A 200 -10.44 11.52 -29.81
N ALA A 201 -10.51 10.25 -29.40
CA ALA A 201 -9.37 9.66 -28.71
C ALA A 201 -8.12 9.61 -29.58
N GLU A 202 -6.96 9.85 -28.96
CA GLU A 202 -5.68 9.80 -29.68
C GLU A 202 -4.76 8.72 -29.12
N TYR A 203 -5.20 8.03 -28.07
CA TYR A 203 -4.38 7.03 -27.40
C TYR A 203 -5.30 5.92 -26.95
N VAL A 204 -4.72 4.73 -26.79
CA VAL A 204 -5.41 3.59 -26.18
C VAL A 204 -4.47 2.98 -25.15
N PHE A 205 -4.96 2.79 -23.94
CA PHE A 205 -4.19 2.12 -22.90
C PHE A 205 -4.65 0.69 -22.76
N THR A 206 -3.71 -0.26 -22.70
CA THR A 206 -3.99 -1.66 -22.46
C THR A 206 -2.96 -2.19 -21.47
N PRO A 207 -3.30 -3.19 -20.67
CA PRO A 207 -2.34 -3.67 -19.67
C PRO A 207 -1.48 -4.83 -20.10
N VAL A 208 -1.78 -5.51 -21.22
CA VAL A 208 -1.11 -6.76 -21.58
C VAL A 208 -1.02 -6.90 -23.09
N THR A 209 -0.03 -7.68 -23.52
CA THR A 209 0.31 -7.94 -24.91
C THR A 209 -0.90 -8.12 -25.83
N PHE A 210 -1.74 -9.11 -25.54
CA PHE A 210 -2.79 -9.42 -26.53
C PHE A 210 -3.84 -8.33 -26.62
N LEU A 211 -4.11 -7.62 -25.52
CA LEU A 211 -5.04 -6.49 -25.63
C LEU A 211 -4.42 -5.38 -26.46
N GLY A 212 -3.11 -5.14 -26.30
CA GLY A 212 -2.44 -4.17 -27.16
C GLY A 212 -2.47 -4.56 -28.63
N ILE A 213 -2.19 -5.83 -28.94
CA ILE A 213 -2.26 -6.30 -30.34
C ILE A 213 -3.68 -6.13 -30.88
N GLY A 214 -4.68 -6.50 -30.09
CA GLY A 214 -6.05 -6.35 -30.56
C GLY A 214 -6.40 -4.89 -30.78
N ALA A 215 -5.90 -4.02 -29.89
CA ALA A 215 -6.16 -2.59 -30.06
C ALA A 215 -5.56 -2.08 -31.36
N VAL A 216 -4.33 -2.52 -31.68
CA VAL A 216 -3.70 -2.13 -32.93
C VAL A 216 -4.49 -2.65 -34.13
N ARG A 217 -5.01 -3.90 -34.05
CA ARG A 217 -5.82 -4.39 -35.17
C ARG A 217 -7.05 -3.53 -35.36
N ALA A 218 -7.70 -3.15 -34.26
CA ALA A 218 -8.88 -2.29 -34.34
C ALA A 218 -8.53 -0.92 -34.91
N ALA A 219 -7.42 -0.33 -34.47
CA ALA A 219 -7.01 0.98 -34.97
C ALA A 219 -6.70 0.90 -36.45
N ARG A 220 -6.06 -0.19 -36.89
CA ARG A 220 -5.76 -0.34 -38.31
C ARG A 220 -7.04 -0.44 -39.12
N GLN A 221 -8.00 -1.24 -38.66
CA GLN A 221 -9.24 -1.41 -39.41
C GLN A 221 -10.01 -0.10 -39.48
N ALA A 222 -10.01 0.69 -38.40
CA ALA A 222 -10.77 1.94 -38.36
C ALA A 222 -10.03 3.11 -38.98
N ASN A 223 -8.81 2.90 -39.47
CA ASN A 223 -7.96 3.98 -39.99
C ASN A 223 -7.81 5.11 -38.97
N ARG A 224 -7.65 4.75 -37.70
CA ARG A 224 -7.48 5.72 -36.62
C ARG A 224 -6.03 5.76 -36.19
N PRO A 225 -5.38 6.90 -36.29
CA PRO A 225 -3.96 6.99 -35.96
C PRO A 225 -3.71 7.06 -34.46
N VAL A 226 -4.38 6.25 -33.68
CA VAL A 226 -4.15 6.29 -32.24
C VAL A 226 -2.83 5.60 -31.92
N LYS A 227 -2.22 6.04 -30.83
CA LYS A 227 -1.00 5.43 -30.30
C LYS A 227 -1.39 4.54 -29.14
N VAL A 228 -0.84 3.34 -29.11
CA VAL A 228 -1.23 2.32 -28.13
C VAL A 228 -0.11 2.16 -27.11
N LEU A 229 -0.50 2.05 -25.84
CA LEU A 229 0.38 1.71 -24.73
C LEU A 229 0.03 0.31 -24.28
N THR A 230 1.04 -0.48 -23.96
CA THR A 230 0.77 -1.83 -23.54
C THR A 230 1.95 -2.34 -22.72
N SER A 231 1.94 -3.64 -22.43
CA SER A 231 2.94 -4.21 -21.56
C SER A 231 3.29 -5.61 -22.04
N ALA A 232 4.54 -5.99 -21.85
CA ALA A 232 5.12 -7.30 -22.12
C ALA A 232 5.43 -7.50 -23.60
N VAL A 234 6.55 -8.72 -27.30
CA VAL A 234 6.74 -9.80 -28.26
C VAL A 234 7.50 -9.21 -29.44
N LYS A 235 8.15 -10.10 -30.21
CA LYS A 235 9.00 -9.65 -31.32
C LYS A 235 8.29 -8.65 -32.23
N GLU A 236 7.02 -8.92 -32.57
CA GLU A 236 6.31 -8.07 -33.51
C GLU A 236 6.10 -6.65 -32.98
N ASN A 237 6.18 -6.46 -31.66
CA ASN A 237 6.05 -5.12 -31.10
C ASN A 237 7.20 -4.20 -31.52
N GLU A 238 8.36 -4.77 -31.83
CA GLU A 238 9.52 -3.95 -32.15
C GLU A 238 9.25 -3.07 -33.35
N ALA A 239 8.72 -3.65 -34.44
CA ALA A 239 8.41 -2.86 -35.62
C ALA A 239 7.29 -1.85 -35.34
N ILE A 241 6.68 -0.32 -32.53
CA ILE A 241 7.28 0.83 -31.86
C ILE A 241 8.01 1.73 -32.85
N ARG A 242 8.81 1.13 -33.74
CA ARG A 242 9.55 1.95 -34.69
C ARG A 242 8.62 2.70 -35.63
N GLU A 243 7.52 2.07 -36.03
CA GLU A 243 6.54 2.66 -36.95
C GLU A 243 5.61 3.66 -36.27
N GLY A 244 5.72 3.80 -34.94
CA GLY A 244 4.96 4.77 -34.19
C GLY A 244 3.60 4.30 -33.70
N ARG A 245 3.22 3.05 -33.96
CA ARG A 245 1.89 2.60 -33.57
C ARG A 245 1.79 2.28 -32.08
N LEU A 246 2.86 1.72 -31.50
CA LEU A 246 2.98 1.53 -30.06
C LEU A 246 3.86 2.64 -29.51
N LEU A 247 3.31 3.43 -28.60
CA LEU A 247 4.07 4.52 -27.99
C LEU A 247 5.10 4.00 -27.01
N ALA A 248 4.70 2.99 -26.24
CA ALA A 248 5.56 2.46 -25.19
C ALA A 248 5.03 1.10 -24.80
N VAL A 249 5.96 0.23 -24.42
CA VAL A 249 5.62 -1.10 -23.96
C VAL A 249 6.41 -1.32 -22.70
N ALA A 250 5.73 -1.59 -21.61
CA ALA A 250 6.46 -1.91 -20.39
C ALA A 250 7.11 -3.28 -20.55
N SER A 251 8.41 -3.39 -20.19
CA SER A 251 9.09 -4.69 -20.21
C SER A 251 8.59 -5.52 -19.03
N GLU A 252 8.20 -6.77 -19.27
CA GLU A 252 7.90 -7.71 -18.19
C GLU A 252 8.88 -8.87 -18.29
N PRO A 253 9.93 -8.87 -17.53
CA PRO A 253 11.04 -9.83 -17.73
C PRO A 253 10.77 -11.18 -17.08
N GLY A 254 9.91 -11.97 -17.71
CA GLY A 254 9.50 -13.25 -17.14
C GLY A 254 10.68 -14.18 -16.94
N VAL A 255 11.64 -14.15 -17.88
CA VAL A 255 12.75 -15.10 -17.83
C VAL A 255 13.55 -14.87 -16.57
N ILE A 256 13.89 -13.60 -16.27
CA ILE A 256 14.70 -13.39 -15.05
C ILE A 256 13.86 -13.72 -13.79
N GLY A 258 11.78 -16.15 -13.48
CA GLY A 258 11.89 -17.61 -13.31
C GLY A 258 13.24 -18.01 -12.75
N ARG A 259 14.33 -17.41 -13.25
CA ARG A 259 15.65 -17.72 -12.72
C ARG A 259 15.73 -17.37 -11.26
N LEU A 260 15.20 -16.20 -10.90
CA LEU A 260 15.23 -15.78 -9.51
C LEU A 260 14.43 -16.72 -8.63
N ILE A 261 13.29 -17.21 -9.10
CA ILE A 261 12.53 -18.17 -8.29
C ILE A 261 13.38 -19.37 -7.90
N VAL A 262 14.15 -19.89 -8.85
CA VAL A 262 15.02 -21.04 -8.55
C VAL A 262 16.09 -20.65 -7.54
N GLN A 263 16.74 -19.49 -7.75
CA GLN A 263 17.83 -19.11 -6.85
C GLN A 263 17.32 -18.81 -5.43
N TYR A 264 16.12 -18.23 -5.34
CA TYR A 264 15.53 -17.96 -4.02
C TYR A 264 15.10 -19.26 -3.35
N ALA A 265 14.51 -20.18 -4.14
CA ALA A 265 14.05 -21.46 -3.57
C ALA A 265 15.22 -22.27 -2.99
N ILE A 266 16.38 -22.30 -3.67
CA ILE A 266 17.50 -23.07 -3.15
C ILE A 266 17.91 -22.52 -1.79
N ARG A 267 17.97 -21.20 -1.69
CA ARG A 267 18.37 -20.57 -0.43
C ARG A 267 17.35 -20.85 0.65
N GLU A 268 16.06 -20.71 0.34
CA GLU A 268 15.03 -20.98 1.35
C GLU A 268 15.13 -22.42 1.83
N HIS A 269 15.32 -23.34 0.89
CA HIS A 269 15.34 -24.77 1.18
C HIS A 269 16.52 -25.15 2.06
N GLU A 270 17.68 -24.53 1.85
CA GLU A 270 18.89 -24.90 2.58
C GLU A 270 19.20 -23.95 3.72
N GLY A 271 18.29 -23.04 4.06
CA GLY A 271 18.49 -22.18 5.21
C GLY A 271 19.58 -21.16 5.01
N LEU A 272 19.77 -20.70 3.81
CA LEU A 272 20.77 -19.70 3.49
C LEU A 272 20.15 -18.31 3.52
N PRO A 273 20.97 -17.26 3.67
CA PRO A 273 20.43 -15.89 3.63
C PRO A 273 19.67 -15.61 2.35
N PRO A 275 17.97 -13.51 -0.73
CA PRO A 275 18.21 -12.29 -1.47
C PRO A 275 17.09 -11.30 -1.17
N PRO A 276 17.08 -10.13 -1.81
CA PRO A 276 16.17 -9.06 -1.35
C PRO A 276 14.70 -9.45 -1.42
N LEU A 277 13.96 -9.09 -0.37
CA LEU A 277 12.52 -9.25 -0.35
C LEU A 277 11.88 -8.01 0.22
N ASP A 278 10.96 -7.43 -0.53
CA ASP A 278 10.09 -6.39 0.00
C ASP A 278 9.09 -6.96 1.02
N LYS A 279 8.62 -6.07 1.91
CA LYS A 279 7.61 -6.45 2.88
C LYS A 279 6.26 -6.68 2.21
N PRO A 280 5.39 -7.50 2.80
CA PRO A 280 4.03 -7.65 2.27
C PRO A 280 3.35 -6.30 2.06
N THR A 281 2.51 -6.24 1.04
CA THR A 281 1.67 -5.06 0.78
C THR A 281 0.21 -5.49 0.79
N ARG A 282 -0.68 -4.52 0.64
CA ARG A 282 -2.11 -4.84 0.63
C ARG A 282 -2.45 -5.87 -0.43
N SER A 283 -1.95 -5.67 -1.67
CA SER A 283 -2.28 -6.58 -2.77
C SER A 283 -1.36 -7.79 -2.84
N VAL A 284 -0.17 -7.71 -2.24
CA VAL A 284 0.81 -8.79 -2.34
C VAL A 284 1.14 -9.21 -0.91
N PRO A 285 0.33 -10.05 -0.27
CA PRO A 285 0.43 -10.22 1.19
C PRO A 285 1.47 -11.22 1.64
N TYR A 286 2.68 -11.09 1.12
CA TYR A 286 3.79 -11.98 1.43
C TYR A 286 5.08 -11.29 1.02
N PRO A 287 6.21 -11.72 1.57
CA PRO A 287 7.50 -11.16 1.15
C PRO A 287 7.72 -11.43 -0.32
N HIS A 288 8.26 -10.44 -1.05
CA HIS A 288 8.33 -10.63 -2.49
C HIS A 288 9.40 -9.72 -3.07
N PHE A 289 10.05 -10.21 -4.14
CA PHE A 289 10.99 -9.40 -4.88
C PHE A 289 10.28 -8.81 -6.07
N ASN A 290 10.47 -7.52 -6.31
CA ASN A 290 9.92 -6.86 -7.49
C ASN A 290 11.06 -6.57 -8.43
N VAL A 291 11.03 -7.14 -9.64
CA VAL A 291 12.06 -6.83 -10.64
C VAL A 291 11.90 -5.38 -11.08
N PRO A 292 12.95 -4.59 -11.16
CA PRO A 292 12.78 -3.19 -11.55
C PRO A 292 12.16 -3.07 -12.94
N ILE A 293 11.39 -2.00 -13.12
CA ILE A 293 10.59 -1.79 -14.33
C ILE A 293 11.36 -0.92 -15.31
N THR A 294 11.38 -1.34 -16.57
CA THR A 294 11.87 -0.53 -17.68
C THR A 294 10.80 -0.47 -18.75
N VAL A 295 10.79 0.62 -19.50
CA VAL A 295 9.85 0.81 -20.60
C VAL A 295 10.62 0.75 -21.90
N VAL A 296 10.03 0.11 -22.91
CA VAL A 296 10.61 0.07 -24.24
C VAL A 296 9.88 1.06 -25.11
N ASP A 297 10.63 1.90 -25.83
CA ASP A 297 10.04 2.90 -26.72
C ASP A 297 11.01 3.12 -27.88
N LYS A 298 10.70 4.10 -28.74
CA LYS A 298 11.60 4.37 -29.87
C LYS A 298 13.03 4.64 -29.42
N SER A 299 13.21 5.22 -28.23
CA SER A 299 14.55 5.62 -27.81
C SER A 299 15.42 4.42 -27.45
N ASN A 300 14.85 3.25 -27.12
CA ASN A 300 15.67 2.13 -26.73
C ASN A 300 15.24 0.80 -27.34
N VAL A 301 14.34 0.79 -28.32
CA VAL A 301 13.90 -0.48 -28.88
C VAL A 301 15.08 -1.20 -29.53
N ASP A 302 16.10 -0.47 -29.99
CA ASP A 302 17.25 -1.11 -30.62
C ASP A 302 18.36 -1.47 -29.64
N THR A 303 18.25 -1.09 -28.35
CA THR A 303 19.33 -1.35 -27.40
C THR A 303 18.85 -2.04 -26.13
N HIS A 304 17.58 -1.87 -25.79
CA HIS A 304 17.07 -2.45 -24.55
C HIS A 304 17.24 -3.96 -24.57
N PRO A 305 17.57 -4.59 -23.43
CA PRO A 305 17.89 -6.02 -23.45
C PRO A 305 16.69 -6.94 -23.29
N TYR A 306 15.50 -6.46 -23.69
CA TYR A 306 14.28 -7.24 -23.50
C TYR A 306 14.40 -8.64 -24.14
N ALA A 307 15.21 -8.76 -25.19
CA ALA A 307 15.35 -10.06 -25.85
C ALA A 307 16.11 -11.07 -25.00
N PHE A 308 16.89 -10.62 -24.03
CA PHE A 308 17.62 -11.54 -23.18
C PHE A 308 16.84 -11.87 -21.92
N TYR A 309 16.11 -10.89 -21.36
CA TYR A 309 15.43 -11.04 -20.08
C TYR A 309 13.93 -11.27 -20.23
N ASP A 310 13.35 -11.05 -21.42
CA ASP A 310 11.90 -11.12 -21.62
C ASP A 310 11.43 -12.14 -22.65
N TYR A 311 12.28 -12.54 -23.58
CA TYR A 311 11.91 -13.54 -24.58
C TYR A 311 12.47 -14.88 -24.20
N PRO A 312 11.67 -15.94 -24.12
CA PRO A 312 12.25 -17.29 -24.15
C PRO A 312 12.88 -17.52 -25.51
N PRO A 313 13.78 -18.47 -25.63
CA PRO A 313 14.46 -18.68 -26.91
C PRO A 313 13.47 -19.03 -28.00
N GLN A 314 13.77 -18.57 -29.23
CA GLN A 314 12.93 -18.95 -30.36
C GLN A 314 12.97 -20.44 -30.43
N GLY A 315 11.79 -21.03 -30.50
CA GLY A 315 11.73 -22.45 -30.64
C GLY A 315 11.71 -23.21 -29.35
N TRP A 316 11.76 -22.51 -28.21
CA TRP A 316 11.62 -23.20 -26.93
C TRP A 316 10.15 -23.50 -26.66
N SER A 317 9.90 -24.72 -26.18
CA SER A 317 8.60 -25.09 -25.61
C SER A 317 8.86 -26.13 -24.53
N ILE A 318 7.85 -26.38 -23.70
CA ILE A 318 8.10 -27.35 -22.63
C ILE A 318 7.19 -28.56 -22.72
N ASP B 1 -25.07 10.17 17.31
CA ASP B 1 -24.61 8.81 17.64
C ASP B 1 -23.13 8.88 17.94
N ARG B 2 -22.76 8.51 19.17
CA ARG B 2 -21.35 8.60 19.53
C ARG B 2 -20.49 7.66 18.72
N LEU B 3 -21.06 6.62 18.11
CA LEU B 3 -20.30 5.70 17.26
C LEU B 3 -20.50 5.98 15.79
N GLN B 4 -21.14 7.11 15.44
CA GLN B 4 -21.33 7.54 14.05
C GLN B 4 -21.97 6.45 13.19
N GLY B 5 -22.80 5.60 13.80
CA GLY B 5 -23.43 4.56 13.00
C GLY B 5 -22.50 3.47 12.50
N ILE B 6 -21.28 3.41 13.01
CA ILE B 6 -20.33 2.43 12.48
C ILE B 6 -20.65 1.04 12.96
N VAL B 7 -21.07 0.94 14.22
CA VAL B 7 -21.36 -0.34 14.85
C VAL B 7 -22.38 -0.07 15.95
N GLU B 8 -23.19 -1.06 16.27
CA GLU B 8 -24.17 -0.94 17.36
C GLU B 8 -23.46 -1.17 18.70
N PRO B 9 -23.71 -0.36 19.73
CA PRO B 9 -22.99 -0.60 21.00
C PRO B 9 -23.56 -1.83 21.66
N ILE B 10 -22.68 -2.71 22.18
CA ILE B 10 -23.13 -3.82 22.99
C ILE B 10 -22.36 -3.85 24.30
N VAL B 11 -22.69 -4.82 25.13
CA VAL B 11 -22.20 -4.88 26.50
C VAL B 11 -21.51 -6.22 26.69
N ALA B 12 -20.32 -6.20 27.30
CA ALA B 12 -19.63 -7.45 27.61
C ALA B 12 -20.40 -8.24 28.65
N ARG B 13 -20.54 -9.55 28.43
CA ARG B 13 -21.02 -10.47 29.45
C ARG B 13 -19.89 -11.25 30.08
N GLN B 14 -18.84 -11.59 29.32
CA GLN B 14 -17.69 -12.24 29.93
C GLN B 14 -16.73 -11.19 30.47
N PRO B 15 -16.09 -11.40 31.62
CA PRO B 15 -15.14 -10.40 32.13
C PRO B 15 -14.10 -10.02 31.07
N LEU B 16 -13.85 -8.71 30.94
CA LEU B 16 -12.93 -8.22 29.92
C LEU B 16 -12.12 -7.08 30.50
N LYS B 17 -10.80 -7.23 30.54
CA LYS B 17 -9.90 -6.23 31.11
C LYS B 17 -8.99 -5.69 30.03
N LEU B 18 -8.84 -4.36 30.00
CA LEU B 18 -7.94 -3.69 29.05
C LEU B 18 -6.79 -3.04 29.80
N GLY B 19 -5.62 -3.05 29.18
CA GLY B 19 -4.52 -2.18 29.59
C GLY B 19 -4.18 -1.31 28.39
N VAL B 20 -3.92 -0.02 28.65
CA VAL B 20 -3.70 0.96 27.59
C VAL B 20 -2.33 1.58 27.80
N THR B 21 -1.53 1.64 26.75
CA THR B 21 -0.34 2.49 26.80
C THR B 21 -0.21 3.30 25.52
N VAL B 22 -0.06 4.61 25.67
CA VAL B 22 0.04 5.54 24.55
C VAL B 22 1.30 6.37 24.74
N VAL B 23 1.60 7.22 23.74
CA VAL B 23 2.88 7.93 23.79
C VAL B 23 2.87 8.96 24.90
N HIS B 24 1.82 9.78 24.96
CA HIS B 24 1.77 10.90 25.89
C HIS B 24 0.34 11.36 25.92
N LEU B 25 -0.01 12.10 26.97
CA LEU B 25 -1.36 12.63 27.12
C LEU B 25 -1.38 14.15 27.08
N LEU B 26 -0.47 14.74 26.29
CA LEU B 26 -0.29 16.20 26.27
C LEU B 26 -1.12 16.93 25.20
N ASP B 27 -1.74 16.23 24.25
CA ASP B 27 -2.63 16.88 23.30
C ASP B 27 -3.97 16.16 23.34
N ASN B 28 -4.82 16.39 22.35
CA ASN B 28 -6.15 15.80 22.39
C ASN B 28 -6.19 14.45 21.72
N PHE B 29 -5.11 14.04 21.04
CA PHE B 29 -5.23 12.85 20.21
C PHE B 29 -5.17 11.59 21.05
N TYR B 30 -4.00 11.30 21.65
CA TYR B 30 -3.95 10.09 22.50
C TYR B 30 -4.85 10.22 23.71
N LYS B 31 -4.98 11.43 24.25
CA LYS B 31 -5.86 11.62 25.39
C LYS B 31 -7.31 11.39 25.00
N GLY B 32 -7.70 11.77 23.78
CA GLY B 32 -9.03 11.45 23.27
C GLY B 32 -9.26 9.95 23.11
N ILE B 33 -8.25 9.23 22.62
CA ILE B 33 -8.34 7.77 22.54
C ILE B 33 -8.55 7.20 23.93
N ALA B 34 -7.74 7.65 24.90
CA ALA B 34 -7.89 7.17 26.27
C ALA B 34 -9.28 7.48 26.81
N TYR B 35 -9.78 8.70 26.60
CA TYR B 35 -11.11 9.03 27.08
C TYR B 35 -12.18 8.14 26.41
N GLY B 36 -12.07 7.94 25.10
CA GLY B 36 -13.05 7.10 24.43
C GLY B 36 -13.09 5.68 24.98
N ILE B 37 -11.91 5.11 25.25
CA ILE B 37 -11.84 3.77 25.83
C ILE B 37 -12.49 3.76 27.22
N VAL B 38 -12.09 4.70 28.08
CA VAL B 38 -12.60 4.73 29.46
C VAL B 38 -14.10 4.96 29.48
N ASP B 39 -14.57 5.95 28.71
CA ASP B 39 -16.00 6.24 28.76
C ASP B 39 -16.82 5.13 28.10
N GLU B 40 -16.33 4.55 27.01
CA GLU B 40 -17.07 3.45 26.40
C GLU B 40 -17.05 2.23 27.31
N ALA B 41 -15.95 2.02 28.05
CA ALA B 41 -15.87 0.83 28.91
C ALA B 41 -16.93 0.89 30.02
N ARG B 42 -17.18 2.09 30.57
CA ARG B 42 -18.16 2.16 31.67
C ARG B 42 -19.60 2.10 31.15
N ARG B 43 -19.78 2.19 29.84
CA ARG B 43 -21.08 1.94 29.20
C ARG B 43 -21.28 0.48 28.85
N SER B 44 -20.23 -0.33 28.98
CA SER B 44 -20.17 -1.62 28.30
C SER B 44 -19.66 -2.76 29.18
N ASN B 45 -19.51 -2.55 30.50
CA ASN B 45 -19.08 -3.59 31.42
C ASN B 45 -17.68 -4.07 31.06
N VAL B 46 -16.80 -3.14 30.67
CA VAL B 46 -15.40 -3.44 30.39
C VAL B 46 -14.57 -2.74 31.44
N GLU B 47 -13.51 -3.42 31.93
CA GLU B 47 -12.65 -2.86 32.95
C GLU B 47 -11.36 -2.36 32.32
N VAL B 48 -11.03 -1.09 32.54
CA VAL B 48 -9.74 -0.53 32.13
C VAL B 48 -8.85 -0.56 33.36
N VAL B 49 -7.85 -1.43 33.34
CA VAL B 49 -7.09 -1.62 34.58
C VAL B 49 -6.02 -0.58 34.70
N GLN B 50 -5.54 -0.05 33.58
CA GLN B 50 -4.43 0.90 33.68
C GLN B 50 -4.33 1.64 32.37
N VAL B 51 -4.02 2.93 32.47
CA VAL B 51 -3.61 3.75 31.32
C VAL B 51 -2.22 4.26 31.63
N ALA B 52 -1.27 3.93 30.78
CA ALA B 52 0.13 4.28 30.97
C ALA B 52 0.59 5.10 29.78
N VAL B 53 1.71 5.83 29.98
CA VAL B 53 2.29 6.62 28.89
C VAL B 53 3.76 6.30 28.76
N ALA B 54 4.23 6.25 27.51
CA ALA B 54 5.67 6.15 27.29
C ALA B 54 6.42 7.36 27.84
N GLY B 55 5.82 8.55 27.69
CA GLY B 55 6.38 9.82 28.11
C GLY B 55 6.84 10.69 26.94
N ALA B 56 7.33 10.07 25.88
CA ALA B 56 7.94 10.79 24.76
C ALA B 56 8.08 9.82 23.60
N TYR B 57 8.06 10.35 22.38
CA TYR B 57 8.48 9.49 21.28
C TYR B 57 9.91 9.01 21.52
N GLY B 58 10.15 7.75 21.20
CA GLY B 58 11.43 7.13 21.46
C GLY B 58 11.54 6.41 22.80
N ASN B 59 10.57 6.60 23.70
CA ASN B 59 10.59 5.94 25.01
C ASN B 59 10.04 4.51 24.90
N VAL B 60 10.75 3.71 24.10
CA VAL B 60 10.30 2.37 23.77
C VAL B 60 10.44 1.43 24.96
N GLN B 61 11.59 1.50 25.67
CA GLN B 61 11.78 0.56 26.79
C GLN B 61 10.74 0.79 27.88
N GLN B 62 10.34 2.05 28.09
CA GLN B 62 9.28 2.32 29.07
C GLN B 62 8.01 1.61 28.69
N GLN B 63 7.69 1.60 27.40
N GLN B 63 7.66 1.62 27.40
CA GLN B 63 6.45 1.00 26.94
CA GLN B 63 6.42 0.98 26.96
C GLN B 63 6.53 -0.52 26.96
C GLN B 63 6.53 -0.53 26.99
N PHE B 64 7.71 -1.08 26.64
CA PHE B 64 7.88 -2.53 26.74
C PHE B 64 7.56 -2.98 28.16
N ALA B 65 8.06 -2.24 29.14
CA ALA B 65 7.86 -2.63 30.52
C ALA B 65 6.40 -2.50 30.93
N GLN B 66 5.70 -1.48 30.39
CA GLN B 66 4.27 -1.35 30.67
C GLN B 66 3.50 -2.51 30.07
N LEU B 67 3.80 -2.85 28.82
CA LEU B 67 3.13 -3.99 28.19
C LEU B 67 3.39 -5.27 28.98
N GLN B 68 4.64 -5.49 29.41
CA GLN B 68 4.96 -6.67 30.21
C GLN B 68 4.16 -6.70 31.51
N SER B 69 3.97 -5.54 32.13
CA SER B 69 3.25 -5.54 33.38
C SER B 69 1.78 -5.90 33.21
N PHE B 70 1.23 -5.74 32.00
CA PHE B 70 -0.16 -6.14 31.77
C PHE B 70 -0.36 -7.63 31.98
N LYS B 71 0.69 -8.46 31.79
CA LYS B 71 0.53 -9.88 32.07
C LYS B 71 0.17 -10.11 33.52
N THR B 72 0.84 -9.41 34.43
CA THR B 72 0.64 -9.53 35.87
C THR B 72 -0.74 -9.07 36.28
N LEU B 73 -1.35 -8.19 35.50
CA LEU B 73 -2.61 -7.56 35.89
C LEU B 73 -3.82 -8.28 35.32
N GLY B 74 -3.63 -9.36 34.59
CA GLY B 74 -4.77 -10.13 34.11
C GLY B 74 -5.47 -9.51 32.93
N VAL B 75 -4.76 -8.69 32.16
CA VAL B 75 -5.35 -8.01 31.04
C VAL B 75 -5.69 -9.02 29.95
N ASP B 76 -6.80 -8.78 29.24
CA ASP B 76 -7.16 -9.57 28.08
C ASP B 76 -6.69 -8.97 26.77
N TYR B 77 -6.70 -7.64 26.68
CA TYR B 77 -6.20 -6.91 25.51
C TYR B 77 -5.32 -5.77 25.97
N ALA B 78 -4.21 -5.62 25.27
CA ALA B 78 -3.34 -4.46 25.45
C ALA B 78 -3.67 -3.53 24.30
N VAL B 79 -3.84 -2.25 24.58
CA VAL B 79 -4.10 -1.24 23.56
C VAL B 79 -2.84 -0.40 23.47
N LEU B 80 -2.26 -0.30 22.27
CA LEU B 80 -0.93 0.27 22.07
C LEU B 80 -0.93 1.39 21.04
N SER B 81 -0.46 2.57 21.44
CA SER B 81 0.00 3.62 20.52
C SER B 81 1.48 3.74 20.77
N PRO B 82 2.34 3.34 19.82
CA PRO B 82 3.76 3.13 20.14
C PRO B 82 4.59 4.40 20.02
N ALA B 83 5.64 4.45 20.84
CA ALA B 83 6.60 5.55 20.84
C ALA B 83 7.61 5.45 19.70
N ALA B 84 7.61 4.35 18.96
CA ALA B 84 8.40 4.19 17.74
C ALA B 84 7.68 3.17 16.87
N TYR B 85 7.89 3.23 15.54
CA TYR B 85 7.22 2.27 14.65
C TYR B 85 7.74 0.85 14.85
N SER B 86 9.06 0.68 14.93
CA SER B 86 9.69 -0.64 14.95
C SER B 86 10.17 -0.99 16.34
N GLY B 87 10.32 -2.30 16.55
CA GLY B 87 10.89 -2.81 17.78
C GLY B 87 9.89 -3.50 18.68
N TYR B 88 8.58 -3.45 18.35
CA TYR B 88 7.55 -4.00 19.24
C TYR B 88 7.14 -5.41 18.91
N ASP B 89 7.62 -5.99 17.80
CA ASP B 89 7.13 -7.34 17.49
C ASP B 89 7.45 -8.34 18.60
N PRO B 90 8.66 -8.35 19.20
CA PRO B 90 8.92 -9.33 20.26
C PRO B 90 7.95 -9.23 21.43
N VAL B 91 7.65 -8.00 21.88
CA VAL B 91 6.76 -7.89 23.04
C VAL B 91 5.32 -8.21 22.64
N VAL B 92 4.90 -7.83 21.44
CA VAL B 92 3.55 -8.23 21.00
C VAL B 92 3.44 -9.74 20.92
N ALA B 93 4.49 -10.40 20.39
CA ALA B 93 4.49 -11.87 20.35
C ALA B 93 4.45 -12.47 21.73
N ASP B 94 5.20 -11.90 22.66
CA ASP B 94 5.24 -12.38 24.04
C ASP B 94 3.87 -12.26 24.69
N LEU B 95 3.21 -11.12 24.49
CA LEU B 95 1.87 -10.99 25.03
C LEU B 95 0.93 -12.01 24.41
N ALA B 96 1.02 -12.19 23.09
CA ALA B 96 0.12 -13.13 22.42
C ALA B 96 0.29 -14.54 22.94
N ARG B 97 1.55 -14.95 23.20
CA ARG B 97 1.78 -16.27 23.80
C ARG B 97 1.16 -16.37 25.18
N SER B 98 0.99 -15.22 25.86
CA SER B 98 0.37 -15.18 27.17
C SER B 98 -1.13 -14.98 27.11
N GLY B 99 -1.72 -15.08 25.92
CA GLY B 99 -3.16 -14.92 25.80
C GLY B 99 -3.63 -13.48 25.77
N ILE B 100 -2.74 -12.54 25.56
CA ILE B 100 -3.09 -11.12 25.54
C ILE B 100 -2.96 -10.67 24.10
N LYS B 101 -4.08 -10.33 23.49
CA LYS B 101 -4.03 -9.76 22.16
C LYS B 101 -3.77 -8.26 22.28
N THR B 102 -3.03 -7.73 21.30
CA THR B 102 -2.67 -6.33 21.25
C THR B 102 -3.45 -5.65 20.15
N ILE B 103 -4.08 -4.52 20.50
CA ILE B 103 -4.89 -3.72 19.61
C ILE B 103 -4.09 -2.46 19.32
N SER B 104 -3.89 -2.18 18.04
CA SER B 104 -3.21 -0.97 17.60
C SER B 104 -4.21 0.20 17.65
N ALA B 105 -3.81 1.30 18.29
CA ALA B 105 -4.71 2.45 18.45
C ALA B 105 -4.10 3.69 17.80
N GLY B 106 -4.84 4.32 16.87
CA GLY B 106 -4.52 5.64 16.41
C GLY B 106 -3.43 5.78 15.36
N ILE B 107 -2.34 5.05 15.52
CA ILE B 107 -1.18 5.14 14.63
C ILE B 107 -0.61 3.75 14.38
N PRO B 108 0.04 3.54 13.23
CA PRO B 108 0.54 2.20 12.87
C PRO B 108 1.69 1.74 13.75
N VAL B 109 1.79 0.42 13.94
CA VAL B 109 2.95 -0.19 14.58
C VAL B 109 3.46 -1.32 13.69
N ASN B 110 4.78 -1.51 13.65
CA ASN B 110 5.41 -2.48 12.75
C ASN B 110 5.43 -3.87 13.36
N SER B 111 4.26 -4.47 13.46
CA SER B 111 4.19 -5.85 13.91
C SER B 111 2.98 -6.52 13.29
N ASP B 112 3.22 -7.62 12.57
CA ASP B 112 2.10 -8.34 11.99
C ASP B 112 1.46 -9.31 12.98
N LYS B 113 1.85 -9.25 14.26
CA LYS B 113 1.22 -10.04 15.30
C LYS B 113 0.15 -9.29 16.07
N ILE B 114 -0.04 -8.00 15.78
CA ILE B 114 -1.19 -7.23 16.26
C ILE B 114 -2.47 -7.92 15.85
N ALA B 115 -3.43 -7.97 16.79
CA ALA B 115 -4.71 -8.61 16.48
C ALA B 115 -5.53 -7.78 15.49
N PHE B 116 -5.74 -6.50 15.81
CA PHE B 116 -6.41 -5.59 14.88
C PHE B 116 -6.10 -4.17 15.34
N GLY B 117 -6.43 -3.20 14.49
CA GLY B 117 -6.21 -1.80 14.82
C GLY B 117 -7.44 -0.97 14.53
N VAL B 118 -7.51 0.18 15.20
CA VAL B 118 -8.47 1.24 14.90
C VAL B 118 -7.65 2.51 14.78
N LEU B 119 -7.62 3.09 13.57
CA LEU B 119 -6.77 4.26 13.36
C LEU B 119 -7.37 5.05 12.20
N GLN B 120 -6.52 5.70 11.42
CA GLN B 120 -6.92 6.42 10.21
C GLN B 120 -5.82 6.27 9.19
N ASP B 121 -6.13 6.51 7.92
CA ASP B 121 -5.17 6.37 6.83
C ASP B 121 -4.28 7.60 6.79
N ASP B 122 -3.03 7.43 7.25
CA ASP B 122 -2.12 8.58 7.36
C ASP B 122 -1.75 9.17 5.97
N THR B 123 -1.58 8.34 4.95
CA THR B 123 -1.35 8.89 3.61
C THR B 123 -2.51 9.78 3.17
N LEU B 124 -3.74 9.35 3.44
CA LEU B 124 -4.91 10.15 3.05
C LEU B 124 -5.02 11.43 3.88
N ILE B 125 -4.57 11.42 5.13
CA ILE B 125 -4.53 12.68 5.89
C ILE B 125 -3.66 13.70 5.15
N GLY B 126 -2.50 13.25 4.68
CA GLY B 126 -1.65 14.12 3.88
C GLY B 126 -2.34 14.56 2.59
N LYS B 127 -2.99 13.64 1.88
CA LYS B 127 -3.62 14.02 0.62
C LYS B 127 -4.73 15.05 0.85
N VAL B 128 -5.51 14.91 1.92
CA VAL B 128 -6.62 15.86 2.07
C VAL B 128 -6.09 17.23 2.47
N LEU B 129 -4.97 17.27 3.20
CA LEU B 129 -4.36 18.57 3.46
C LEU B 129 -3.75 19.14 2.19
N GLY B 130 -3.22 18.27 1.32
CA GLY B 130 -2.75 18.72 0.03
C GLY B 130 -3.86 19.32 -0.82
N LYS B 131 -5.06 18.75 -0.75
CA LYS B 131 -6.18 19.32 -1.48
C LYS B 131 -6.55 20.69 -0.94
N ALA B 132 -6.55 20.82 0.40
CA ALA B 132 -6.82 22.13 1.01
C ALA B 132 -5.83 23.16 0.51
N LEU B 133 -4.56 22.76 0.37
CA LEU B 133 -3.53 23.66 -0.14
C LEU B 133 -3.81 24.06 -1.57
N CYS B 134 -4.02 23.07 -2.44
CA CYS B 134 -4.25 23.34 -3.85
C CYS B 134 -5.48 24.23 -4.03
N ASP B 135 -6.53 23.96 -3.26
CA ASP B 135 -7.76 24.73 -3.37
C ASP B 135 -7.62 26.16 -2.84
N ASP B 136 -6.57 26.45 -2.10
CA ASP B 136 -6.29 27.82 -1.68
C ASP B 136 -5.52 28.61 -2.73
N GLY B 137 -5.18 28.00 -3.86
CA GLY B 137 -4.45 28.70 -4.91
C GLY B 137 -2.95 28.61 -4.79
N ALA B 138 -2.41 27.51 -4.28
CA ALA B 138 -0.98 27.39 -4.00
C ALA B 138 -0.14 27.08 -5.24
N GLN B 139 -0.75 26.92 -6.42
CA GLN B 139 0.05 26.71 -7.62
C GLN B 139 1.12 27.78 -7.75
N GLY B 140 2.38 27.35 -7.90
CA GLY B 140 3.47 28.30 -8.00
C GLY B 140 3.98 28.87 -6.69
N LYS B 141 3.36 28.53 -5.57
CA LYS B 141 3.75 29.15 -4.30
C LYS B 141 4.58 28.18 -3.49
N GLN B 142 5.44 28.74 -2.64
CA GLN B 142 6.37 27.93 -1.88
C GLN B 142 5.79 27.50 -0.54
N VAL B 143 6.06 26.24 -0.19
CA VAL B 143 5.54 25.61 1.00
C VAL B 143 6.72 25.08 1.81
N ILE B 144 6.83 25.52 3.05
CA ILE B 144 7.80 24.95 3.99
C ILE B 144 7.22 23.64 4.52
N VAL B 145 8.03 22.57 4.49
CA VAL B 145 7.63 21.28 5.06
C VAL B 145 8.38 21.05 6.36
N VAL B 146 7.64 20.93 7.45
CA VAL B 146 8.17 20.54 8.75
C VAL B 146 7.53 19.17 9.01
N PRO B 147 8.20 18.08 8.65
CA PRO B 147 7.51 16.78 8.51
C PRO B 147 7.35 16.00 9.80
N GLY B 148 8.01 16.39 10.87
CA GLY B 148 7.93 15.64 12.09
C GLY B 148 9.15 14.76 12.27
N ALA B 149 9.02 13.79 13.17
CA ALA B 149 10.14 12.93 13.56
C ALA B 149 10.33 11.77 12.59
N ALA B 150 11.57 11.28 12.54
CA ALA B 150 11.89 10.03 11.87
C ALA B 150 11.55 8.83 12.76
N GLY B 151 11.42 7.67 12.13
CA GLY B 151 11.28 6.45 12.92
C GLY B 151 9.87 6.13 13.37
N LEU B 152 8.88 6.91 12.95
CA LEU B 152 7.52 6.70 13.39
C LEU B 152 6.58 6.18 12.30
N GLU B 153 7.02 6.19 11.03
CA GLU B 153 6.24 5.76 9.85
C GLU B 153 5.12 6.73 9.47
N TRP B 154 4.20 7.03 10.38
CA TRP B 154 3.06 7.83 9.97
C TRP B 154 3.40 9.27 9.60
N PRO B 155 4.42 9.94 10.19
CA PRO B 155 4.75 11.28 9.65
C PRO B 155 5.21 11.19 8.21
N ARG B 156 5.95 10.14 7.87
CA ARG B 156 6.39 10.01 6.49
C ARG B 156 5.20 9.78 5.58
N LEU B 157 4.25 8.93 6.01
CA LEU B 157 3.07 8.69 5.18
C LEU B 157 2.28 9.98 4.94
N ARG B 158 2.11 10.78 5.99
CA ARG B 158 1.43 12.06 5.83
C ARG B 158 2.17 12.95 4.86
N TYR B 159 3.50 13.01 4.99
CA TYR B 159 4.30 13.82 4.07
C TYR B 159 4.15 13.32 2.65
N GLU B 160 4.23 12.00 2.44
CA GLU B 160 4.09 11.45 1.09
C GLU B 160 2.75 11.81 0.47
N GLY B 161 1.65 11.65 1.21
CA GLY B 161 0.34 12.01 0.67
C GLY B 161 0.26 13.48 0.33
N PHE B 162 0.73 14.33 1.24
CA PHE B 162 0.71 15.78 1.00
C PHE B 162 1.52 16.14 -0.24
N LYS B 163 2.73 15.60 -0.33
CA LYS B 163 3.62 15.95 -1.44
C LYS B 163 3.02 15.54 -2.77
N GLU B 164 2.38 14.37 -2.82
CA GLU B 164 1.81 13.88 -4.07
C GLU B 164 0.77 14.87 -4.58
N VAL B 165 -0.14 15.28 -3.71
CA VAL B 165 -1.22 16.17 -4.14
C VAL B 165 -0.69 17.57 -4.37
N ALA B 166 0.16 18.07 -3.46
CA ALA B 166 0.69 19.43 -3.60
C ALA B 166 1.53 19.60 -4.85
N SER B 167 2.40 18.63 -5.14
CA SER B 167 3.20 18.67 -6.36
C SER B 167 2.31 18.67 -7.60
N ALA B 168 1.21 17.92 -7.58
CA ALA B 168 0.38 17.79 -8.76
C ALA B 168 -0.32 19.10 -9.12
N CYS B 169 -0.57 19.98 -8.15
CA CYS B 169 -1.14 21.27 -8.48
C CYS B 169 -0.08 22.36 -8.62
N GLY B 170 1.20 21.99 -8.64
CA GLY B 170 2.25 22.94 -8.94
C GLY B 170 2.78 23.73 -7.77
N ALA B 171 2.46 23.35 -6.54
CA ALA B 171 3.10 23.96 -5.39
C ALA B 171 4.57 23.53 -5.32
N LYS B 172 5.38 24.41 -4.74
N LYS B 172 5.38 24.38 -4.68
CA LYS B 172 6.83 24.24 -4.64
CA LYS B 172 6.83 24.23 -4.64
C LYS B 172 7.18 23.95 -3.18
C LYS B 172 7.28 23.97 -3.20
N LEU B 173 7.47 22.70 -2.87
CA LEU B 173 7.78 22.29 -1.49
C LEU B 173 9.28 22.34 -1.22
N THR B 174 9.63 22.76 0.03
CA THR B 174 11.00 22.56 0.49
C THR B 174 11.25 21.07 0.71
N PRO B 175 12.51 20.64 0.73
CA PRO B 175 12.81 19.30 1.21
C PRO B 175 12.36 19.14 2.65
N ALA B 176 12.27 17.89 3.08
CA ALA B 176 11.75 17.55 4.40
C ALA B 176 12.87 16.94 5.24
N ALA B 177 13.17 17.56 6.40
CA ALA B 177 14.18 17.02 7.32
C ALA B 177 13.44 16.40 8.51
N PHE B 178 13.52 15.06 8.64
CA PHE B 178 12.79 14.33 9.67
C PHE B 178 13.67 14.33 10.92
N ARG B 179 13.27 15.09 11.94
CA ARG B 179 14.10 15.24 13.12
C ARG B 179 13.24 15.79 14.25
N GLY B 180 13.76 15.67 15.47
CA GLY B 180 13.04 16.15 16.63
C GLY B 180 12.08 15.12 17.16
N GLU B 181 11.23 15.56 18.10
CA GLU B 181 10.21 14.71 18.72
C GLU B 181 8.83 15.32 18.61
N SER B 183 7.65 18.31 19.29
CA SER B 183 7.25 19.13 20.41
C SER B 183 6.90 20.54 19.95
N LEU B 184 6.27 21.30 20.85
N LEU B 184 6.32 21.31 20.87
CA LEU B 184 6.11 22.73 20.61
CA LEU B 184 6.08 22.73 20.59
C LEU B 184 7.43 23.38 20.25
C LEU B 184 7.39 23.47 20.35
N ALA B 185 8.46 23.11 21.06
CA ALA B 185 9.75 23.75 20.87
C ALA B 185 10.35 23.38 19.53
N ASP B 186 10.16 22.11 19.11
CA ASP B 186 10.63 21.70 17.77
C ASP B 186 9.93 22.50 16.69
N GLY B 187 8.60 22.65 16.81
CA GLY B 187 7.85 23.38 15.80
C GLY B 187 8.32 24.81 15.68
N ALA B 189 11.37 26.07 16.67
CA ALA B 189 12.75 26.26 16.20
C ALA B 189 12.89 25.85 14.74
N GLN B 190 12.25 24.74 14.34
CA GLN B 190 12.39 24.30 12.95
C GLN B 190 11.69 25.28 12.01
N THR B 191 10.53 25.82 12.43
CA THR B 191 9.85 26.75 11.53
C THR B 191 10.58 28.07 11.46
N GLN B 192 11.10 28.55 12.60
CA GLN B 192 11.86 29.79 12.60
C GLN B 192 13.06 29.72 11.65
N ASP B 193 13.79 28.61 11.73
CA ASP B 193 14.91 28.38 10.82
C ASP B 193 14.46 28.33 9.36
N LEU B 194 13.40 27.56 9.07
CA LEU B 194 12.97 27.43 7.67
C LEU B 194 12.37 28.72 7.11
N LEU B 195 11.69 29.52 7.96
CA LEU B 195 11.19 30.80 7.46
C LEU B 195 12.35 31.69 7.02
N ARG B 197 15.24 30.72 5.97
CA ARG B 197 15.87 30.10 4.82
C ARG B 197 14.99 30.10 3.59
N THR B 198 13.69 30.34 3.76
CA THR B 198 12.72 30.27 2.67
C THR B 198 11.90 31.54 2.72
N PRO B 199 12.50 32.68 2.36
CA PRO B 199 11.82 33.97 2.55
C PRO B 199 10.52 34.12 1.75
N ASP B 200 10.38 33.40 0.63
CA ASP B 200 9.17 33.55 -0.18
C ASP B 200 8.11 32.48 0.12
N ALA B 201 8.30 31.65 1.13
CA ALA B 201 7.25 30.68 1.46
C ALA B 201 5.99 31.38 1.93
N GLU B 202 4.83 30.84 1.50
CA GLU B 202 3.53 31.36 1.91
C GLU B 202 2.73 30.35 2.72
N TYR B 203 3.23 29.14 2.89
CA TYR B 203 2.54 28.09 3.61
C TYR B 203 3.55 27.30 4.43
N VAL B 204 3.07 26.69 5.51
CA VAL B 204 3.87 25.72 6.26
C VAL B 204 3.01 24.49 6.46
N PHE B 205 3.56 23.33 6.12
CA PHE B 205 2.90 22.05 6.36
C PHE B 205 3.48 21.44 7.62
N THR B 206 2.62 20.97 8.53
CA THR B 206 3.03 20.22 9.72
C THR B 206 2.08 19.03 9.88
N PRO B 207 2.54 17.92 10.49
CA PRO B 207 1.65 16.76 10.64
C PRO B 207 0.87 16.65 11.93
N VAL B 208 1.21 17.42 12.97
CA VAL B 208 0.63 17.21 14.29
C VAL B 208 0.45 18.54 15.01
N THR B 209 -0.46 18.54 15.99
CA THR B 209 -0.88 19.74 16.71
C THR B 209 0.27 20.63 17.16
N PHE B 210 1.21 20.06 17.94
CA PHE B 210 2.22 20.91 18.55
C PHE B 210 3.20 21.47 17.53
N LEU B 211 3.47 20.74 16.44
CA LEU B 211 4.29 21.34 15.39
C LEU B 211 3.55 22.50 14.75
N GLY B 212 2.23 22.36 14.55
CA GLY B 212 1.46 23.47 14.00
C GLY B 212 1.44 24.68 14.93
N ILE B 213 1.24 24.46 16.24
CA ILE B 213 1.30 25.57 17.20
C ILE B 213 2.67 26.23 17.18
N GLY B 214 3.72 25.42 17.16
CA GLY B 214 5.07 25.99 17.12
C GLY B 214 5.31 26.78 15.85
N ALA B 215 4.81 26.27 14.71
CA ALA B 215 4.92 27.01 13.47
C ALA B 215 4.21 28.36 13.56
N VAL B 216 3.00 28.39 14.13
CA VAL B 216 2.30 29.67 14.27
C VAL B 216 3.08 30.62 15.18
N ARG B 217 3.66 30.12 16.27
CA ARG B 217 4.47 31.01 17.12
C ARG B 217 5.64 31.59 16.34
N ALA B 218 6.30 30.77 15.52
CA ALA B 218 7.43 31.25 14.73
C ALA B 218 6.98 32.28 13.73
N ALA B 219 5.87 32.03 13.09
CA ALA B 219 5.35 32.96 12.08
C ALA B 219 4.98 34.29 12.72
N ARG B 220 4.36 34.24 13.90
CA ARG B 220 4.03 35.48 14.59
C ARG B 220 5.28 36.27 14.95
N GLN B 221 6.32 35.60 15.46
CA GLN B 221 7.54 36.33 15.83
C GLN B 221 8.23 36.93 14.60
N ALA B 222 8.23 36.21 13.50
CA ALA B 222 8.87 36.68 12.27
C ALA B 222 8.01 37.66 11.48
N ASN B 223 6.79 37.96 11.92
CA ASN B 223 5.85 38.76 11.13
C ASN B 223 5.69 38.18 9.73
N ARG B 224 5.52 36.85 9.66
CA ARG B 224 5.28 36.22 8.35
C ARG B 224 3.85 35.70 8.32
N PRO B 225 3.05 36.09 7.37
CA PRO B 225 1.64 35.67 7.34
C PRO B 225 1.42 34.33 6.70
N VAL B 226 2.35 33.39 6.88
CA VAL B 226 2.21 32.08 6.27
C VAL B 226 0.94 31.40 6.82
N LYS B 227 0.30 30.63 5.93
CA LYS B 227 -0.86 29.84 6.32
C LYS B 227 -0.37 28.45 6.66
N VAL B 228 -0.78 27.95 7.82
CA VAL B 228 -0.29 26.69 8.36
C VAL B 228 -1.32 25.61 8.15
N LEU B 229 -0.86 24.42 7.76
CA LEU B 229 -1.70 23.24 7.68
C LEU B 229 -1.23 22.30 8.77
N THR B 230 -2.18 21.68 9.47
CA THR B 230 -1.78 20.80 10.56
C THR B 230 -2.88 19.75 10.78
N SER B 231 -2.78 19.04 11.89
CA SER B 231 -3.70 17.94 12.13
C SER B 231 -3.95 17.81 13.62
N ALA B 232 -5.17 17.36 13.96
CA ALA B 232 -5.64 17.09 15.33
C ALA B 232 -6.01 18.38 16.05
N VAL B 234 -7.24 21.29 18.57
CA VAL B 234 -7.42 21.72 19.96
C VAL B 234 -8.26 22.99 19.91
N LYS B 235 -8.86 23.35 21.06
CA LYS B 235 -9.78 24.48 21.11
C LYS B 235 -9.19 25.74 20.47
N GLU B 236 -7.92 26.03 20.76
CA GLU B 236 -7.33 27.29 20.31
C GLU B 236 -7.15 27.35 18.79
N ASN B 237 -7.23 26.20 18.11
CA ASN B 237 -7.18 26.20 16.65
C ASN B 237 -8.41 26.82 16.03
N GLU B 238 -9.54 26.85 16.75
CA GLU B 238 -10.78 27.33 16.14
C GLU B 238 -10.63 28.79 15.75
N ALA B 239 -10.13 29.62 16.68
CA ALA B 239 -9.93 31.02 16.35
C ALA B 239 -8.83 31.20 15.29
N ILE B 241 -8.18 29.23 12.83
CA ILE B 241 -8.86 28.98 11.55
C ILE B 241 -9.66 30.20 11.13
N ARG B 242 -10.47 30.74 12.05
CA ARG B 242 -11.30 31.89 11.71
C ARG B 242 -10.46 33.08 11.29
N GLU B 243 -9.34 33.29 11.96
CA GLU B 243 -8.44 34.40 11.67
C GLU B 243 -7.57 34.16 10.44
N GLY B 244 -7.60 32.96 9.87
CA GLY B 244 -6.89 32.66 8.64
C GLY B 244 -5.46 32.23 8.84
N ARG B 245 -5.02 32.10 10.08
CA ARG B 245 -3.65 31.64 10.33
C ARG B 245 -3.50 30.14 10.04
N LEU B 246 -4.50 29.35 10.40
CA LEU B 246 -4.54 27.94 10.02
C LEU B 246 -5.44 27.81 8.81
N LEU B 247 -4.87 27.30 7.72
CA LEU B 247 -5.68 27.09 6.51
C LEU B 247 -6.61 25.91 6.70
N ALA B 248 -6.11 24.84 7.30
CA ALA B 248 -6.85 23.60 7.39
C ALA B 248 -6.24 22.77 8.50
N VAL B 249 -7.08 22.04 9.23
CA VAL B 249 -6.63 21.11 10.25
C VAL B 249 -7.35 19.80 9.99
N ALA B 250 -6.60 18.73 9.77
CA ALA B 250 -7.24 17.42 9.65
C ALA B 250 -7.83 17.02 11.00
N SER B 251 -9.08 16.60 11.01
CA SER B 251 -9.67 16.10 12.25
C SER B 251 -9.10 14.72 12.55
N GLU B 252 -8.61 14.50 13.77
CA GLU B 252 -8.19 13.16 14.19
C GLU B 252 -9.09 12.74 15.34
N PRO B 253 -10.09 11.93 15.10
CA PRO B 253 -11.16 11.73 16.09
C PRO B 253 -10.78 10.65 17.09
N GLY B 254 -9.90 11.02 18.03
CA GLY B 254 -9.41 10.05 19.00
C GLY B 254 -10.51 9.45 19.83
N VAL B 255 -11.53 10.25 20.18
CA VAL B 255 -12.57 9.75 21.07
C VAL B 255 -13.31 8.60 20.42
N ILE B 256 -13.73 8.78 19.16
CA ILE B 256 -14.45 7.68 18.53
C ILE B 256 -13.55 6.47 18.31
N GLY B 258 -11.26 5.41 20.39
CA GLY B 258 -11.27 4.68 21.65
C GLY B 258 -12.56 3.93 21.87
N ARG B 259 -13.70 4.54 21.54
CA ARG B 259 -14.97 3.84 21.71
C ARG B 259 -15.04 2.61 20.81
N LEU B 260 -14.56 2.75 19.58
CA LEU B 260 -14.58 1.62 18.66
C LEU B 260 -13.68 0.50 19.14
N ILE B 261 -12.51 0.84 19.68
CA ILE B 261 -11.64 -0.20 20.23
C ILE B 261 -12.39 -1.05 21.25
N VAL B 262 -13.14 -0.42 22.16
CA VAL B 262 -13.93 -1.19 23.13
C VAL B 262 -14.98 -2.06 22.43
N GLN B 263 -15.73 -1.49 21.49
CA GLN B 263 -16.79 -2.27 20.84
C GLN B 263 -16.23 -3.43 20.01
N TYR B 264 -15.09 -3.20 19.36
CA TYR B 264 -14.44 -4.28 18.61
C TYR B 264 -13.88 -5.35 19.55
N ALA B 265 -13.27 -4.93 20.67
CA ALA B 265 -12.68 -5.90 21.59
C ALA B 265 -13.75 -6.81 22.19
N ILE B 266 -14.93 -6.27 22.56
CA ILE B 266 -15.99 -7.14 23.11
C ILE B 266 -16.36 -8.21 22.11
N ARG B 267 -16.54 -7.83 20.85
CA ARG B 267 -16.92 -8.79 19.82
C ARG B 267 -15.84 -9.81 19.60
N GLU B 268 -14.59 -9.39 19.57
CA GLU B 268 -13.50 -10.35 19.38
C GLU B 268 -13.47 -11.33 20.54
N HIS B 269 -13.64 -10.81 21.75
CA HIS B 269 -13.54 -11.63 22.96
C HIS B 269 -14.63 -12.68 23.02
N GLU B 270 -15.85 -12.33 22.60
CA GLU B 270 -16.99 -13.23 22.74
C GLU B 270 -17.34 -13.96 21.44
N GLY B 271 -16.48 -13.89 20.43
CA GLY B 271 -16.66 -14.61 19.20
C GLY B 271 -17.81 -14.13 18.36
N LEU B 272 -18.12 -12.84 18.42
CA LEU B 272 -19.22 -12.26 17.66
C LEU B 272 -18.71 -11.74 16.33
N PRO B 273 -19.58 -11.52 15.35
CA PRO B 273 -19.13 -10.96 14.06
C PRO B 273 -18.43 -9.61 14.26
N PRO B 275 -17.03 -5.88 13.36
CA PRO B 275 -17.38 -4.76 12.51
C PRO B 275 -16.30 -4.58 11.44
N PRO B 276 -16.39 -3.55 10.60
CA PRO B 276 -15.54 -3.51 9.40
C PRO B 276 -14.05 -3.47 9.72
N LEU B 277 -13.29 -4.24 8.97
CA LEU B 277 -11.82 -4.24 9.06
C LEU B 277 -11.26 -4.29 7.66
N ASP B 278 -10.42 -3.31 7.33
CA ASP B 278 -9.64 -3.33 6.10
C ASP B 278 -8.55 -4.40 6.20
N LYS B 279 -8.08 -4.85 5.04
CA LYS B 279 -6.99 -5.80 4.98
C LYS B 279 -5.69 -5.15 5.42
N PRO B 280 -4.73 -5.95 5.88
CA PRO B 280 -3.40 -5.43 6.15
C PRO B 280 -2.84 -4.68 4.95
N THR B 281 -2.04 -3.66 5.24
CA THR B 281 -1.29 -2.94 4.21
C THR B 281 0.20 -3.02 4.53
N ARG B 282 1.01 -2.45 3.63
CA ARG B 282 2.46 -2.44 3.87
C ARG B 282 2.78 -1.82 5.23
N SER B 283 2.23 -0.63 5.49
CA SER B 283 2.58 0.09 6.72
C SER B 283 1.75 -0.34 7.92
N VAL B 284 0.59 -0.95 7.68
CA VAL B 284 -0.33 -1.35 8.76
C VAL B 284 -0.58 -2.84 8.60
N PRO B 285 0.33 -3.69 9.11
CA PRO B 285 0.33 -5.12 8.73
C PRO B 285 -0.62 -5.97 9.58
N TYR B 286 -1.86 -5.53 9.71
CA TYR B 286 -2.88 -6.24 10.50
C TYR B 286 -4.24 -5.71 10.07
N PRO B 287 -5.29 -6.47 10.32
CA PRO B 287 -6.64 -5.97 10.02
C PRO B 287 -6.92 -4.69 10.81
N HIS B 288 -7.57 -3.71 10.18
CA HIS B 288 -7.73 -2.44 10.87
C HIS B 288 -8.90 -1.65 10.30
N PHE B 289 -9.52 -0.87 11.18
CA PHE B 289 -10.57 0.05 10.77
C PHE B 289 -9.95 1.43 10.65
N ASN B 290 -10.20 2.09 9.53
CA ASN B 290 -9.80 3.48 9.35
C ASN B 290 -11.01 4.40 9.48
N VAL B 291 -10.99 5.29 10.47
CA VAL B 291 -12.10 6.26 10.62
C VAL B 291 -12.04 7.24 9.47
N PRO B 292 -13.15 7.50 8.79
CA PRO B 292 -13.12 8.42 7.65
C PRO B 292 -12.56 9.76 8.05
N ILE B 293 -11.90 10.39 7.11
CA ILE B 293 -11.16 11.61 7.35
C ILE B 293 -12.01 12.79 6.94
N THR B 294 -12.01 13.82 7.80
CA THR B 294 -12.60 15.10 7.48
C THR B 294 -11.59 16.18 7.82
N VAL B 295 -11.71 17.32 7.15
N VAL B 295 -11.70 17.30 7.11
CA VAL B 295 -10.79 18.42 7.38
CA VAL B 295 -10.86 18.46 7.33
C VAL B 295 -11.58 19.63 7.86
C VAL B 295 -11.69 19.51 8.02
N VAL B 296 -11.05 20.31 8.88
CA VAL B 296 -11.70 21.47 9.49
C VAL B 296 -11.09 22.71 8.87
N ASP B 297 -11.92 23.61 8.37
CA ASP B 297 -11.43 24.85 7.75
C ASP B 297 -12.47 25.93 8.00
N LYS B 298 -12.30 27.10 7.36
CA LYS B 298 -13.23 28.21 7.64
C LYS B 298 -14.66 27.84 7.32
N SER B 299 -14.86 26.93 6.36
CA SER B 299 -16.20 26.60 5.90
C SER B 299 -16.97 25.75 6.91
N ASN B 300 -16.29 25.08 7.84
CA ASN B 300 -17.01 24.20 8.75
C ASN B 300 -16.52 24.27 10.19
N VAL B 301 -15.65 25.21 10.54
CA VAL B 301 -15.17 25.30 11.91
C VAL B 301 -16.33 25.53 12.89
N ASP B 302 -17.41 26.16 12.43
CA ASP B 302 -18.56 26.40 13.30
C ASP B 302 -19.60 25.29 13.29
N THR B 303 -19.46 24.27 12.43
CA THR B 303 -20.48 23.23 12.33
C THR B 303 -19.89 21.84 12.48
N HIS B 304 -18.64 21.66 12.07
CA HIS B 304 -18.02 20.34 12.13
C HIS B 304 -18.11 19.79 13.56
N PRO B 305 -18.41 18.49 13.74
CA PRO B 305 -18.61 17.95 15.09
C PRO B 305 -17.32 17.56 15.81
N TYR B 306 -16.16 18.12 15.43
CA TYR B 306 -14.88 17.76 16.07
C TYR B 306 -14.98 17.79 17.59
N ALA B 307 -15.79 18.68 18.15
CA ALA B 307 -15.83 18.78 19.60
C ALA B 307 -16.51 17.58 20.26
N PHE B 308 -17.29 16.81 19.53
CA PHE B 308 -17.92 15.62 20.09
C PHE B 308 -17.12 14.35 19.80
N TYR B 309 -16.33 14.33 18.73
CA TYR B 309 -15.60 13.14 18.33
C TYR B 309 -14.10 13.28 18.52
N ASP B 310 -13.60 14.49 18.76
CA ASP B 310 -12.18 14.77 18.81
C ASP B 310 -11.69 15.38 20.12
N TYR B 311 -12.54 16.00 20.87
CA TYR B 311 -12.15 16.57 22.16
C TYR B 311 -12.60 15.69 23.28
N PRO B 312 -11.72 15.33 24.20
CA PRO B 312 -12.20 14.81 25.50
C PRO B 312 -12.88 15.94 26.26
N PRO B 313 -13.73 15.61 27.24
CA PRO B 313 -14.46 16.67 27.94
C PRO B 313 -13.50 17.64 28.61
N GLN B 314 -13.89 18.92 28.62
CA GLN B 314 -13.09 19.87 29.38
C GLN B 314 -13.04 19.38 30.79
N GLY B 315 -11.83 19.32 31.32
CA GLY B 315 -11.74 18.93 32.68
C GLY B 315 -11.50 17.48 32.92
N TRP B 316 -11.47 16.65 31.86
CA TRP B 316 -11.27 15.22 32.02
C TRP B 316 -9.77 14.90 32.10
N SER B 317 -9.41 14.02 33.02
CA SER B 317 -8.08 13.45 33.08
C SER B 317 -8.15 12.04 33.67
N ILE B 318 -7.07 11.30 33.53
CA ILE B 318 -6.99 9.95 34.08
C ILE B 318 -5.67 9.80 34.82
N GLU B 319 -5.70 9.10 35.95
CA GLU B 319 -4.45 8.73 36.62
C GLU B 319 -3.64 7.79 35.72
N THR B 320 -2.34 8.06 35.57
CA THR B 320 -1.55 7.28 34.62
C THR B 320 -0.30 6.70 35.26
N ALA B 321 0.12 5.56 34.72
CA ALA B 321 1.39 4.93 35.06
C ALA B 321 2.53 5.36 34.09
#